data_4QB5
#
_entry.id   4QB5
#
_cell.length_a   46.949
_cell.length_b   89.896
_cell.length_c   131.857
_cell.angle_alpha   90.00
_cell.angle_beta   90.00
_cell.angle_gamma   90.00
#
_symmetry.space_group_name_H-M   'P 21 21 21'
#
loop_
_entity.id
_entity.type
_entity.pdbx_description
1 polymer 'Glyoxalase/bleomycin resistance protein/dioxygenase'
2 non-polymer 'SULFATE ION'
3 non-polymer 1,2-ETHANEDIOL
4 water water
#
_entity_poly.entity_id   1
_entity_poly.type   'polypeptide(L)'
_entity_poly.pdbx_seq_one_letter_code
;(MSE)HHHHHHSSGVDLGTENLYFQS(MSE)FSHV(MSE)VGVNDLEVSKKFYDALLGTLGIGPGVANKSRYFYRSPAGT
FGITTPINGQPATHGNGSTLGFAAQSPEQCDAFHAAGIANGGTTCEEPPGFRDGAVGKLYLAYLRDPDGNKICALHRPAK
;
_entity_poly.pdbx_strand_id   A,B,C,D
#
# COMPACT_ATOMS: atom_id res chain seq x y z
N SER A 22 -7.84 6.82 7.60
CA SER A 22 -8.85 5.76 7.85
C SER A 22 -8.81 4.57 6.88
N PHE A 24 -11.38 3.08 6.02
CA PHE A 24 -12.60 3.21 5.27
C PHE A 24 -12.71 4.58 4.58
N SER A 25 -13.00 4.59 3.31
CA SER A 25 -13.26 5.84 2.63
C SER A 25 -14.64 6.34 3.02
N HIS A 26 -15.61 5.45 3.03
CA HIS A 26 -16.98 5.83 3.39
C HIS A 26 -17.83 4.62 3.71
N VAL A 27 -18.95 4.86 4.39
CA VAL A 27 -19.96 3.85 4.61
C VAL A 27 -21.31 4.46 4.30
N VAL A 29 -25.61 3.55 4.37
CA VAL A 29 -26.67 2.66 4.76
C VAL A 29 -27.90 3.09 4.01
N GLY A 30 -28.84 2.15 3.82
CA GLY A 30 -30.10 2.43 3.13
C GLY A 30 -31.07 2.92 4.18
N VAL A 31 -31.90 3.87 3.80
CA VAL A 31 -33.02 4.37 4.61
C VAL A 31 -34.30 4.51 3.73
N ASN A 32 -35.46 4.33 4.38
CA ASN A 32 -36.72 4.40 3.76
C ASN A 32 -37.27 5.80 3.78
N ASP A 33 -36.79 6.62 4.68
CA ASP A 33 -37.30 8.00 4.68
C ASP A 33 -36.18 8.91 5.03
N LEU A 34 -35.71 9.64 4.03
CA LEU A 34 -34.52 10.47 4.17
C LEU A 34 -34.63 11.53 5.25
N GLU A 35 -35.79 12.20 5.38
CA GLU A 35 -35.94 13.23 6.41
C GLU A 35 -36.03 12.63 7.81
N VAL A 36 -36.74 11.52 7.96
CA VAL A 36 -36.84 10.91 9.27
C VAL A 36 -35.41 10.47 9.67
N SER A 37 -34.66 9.88 8.76
CA SER A 37 -33.33 9.40 9.09
C SER A 37 -32.35 10.52 9.27
N LYS A 38 -32.46 11.60 8.48
CA LYS A 38 -31.62 12.80 8.71
C LYS A 38 -31.84 13.36 10.13
N LYS A 39 -33.11 13.44 10.56
CA LYS A 39 -33.36 13.88 11.94
C LYS A 39 -32.64 12.97 12.97
N PHE A 40 -32.75 11.64 12.78
CA PHE A 40 -32.09 10.69 13.65
C PHE A 40 -30.55 10.88 13.67
N TYR A 41 -29.95 10.81 12.49
CA TYR A 41 -28.47 10.90 12.40
C TYR A 41 -27.94 12.29 12.78
N ASP A 42 -28.74 13.36 12.53
CA ASP A 42 -28.31 14.69 12.93
C ASP A 42 -28.13 14.71 14.45
N ALA A 43 -29.15 14.21 15.18
CA ALA A 43 -29.13 14.13 16.62
C ALA A 43 -28.06 13.16 17.10
N LEU A 44 -27.99 11.98 16.46
CA LEU A 44 -27.10 10.94 16.92
C LEU A 44 -25.66 11.40 16.76
N LEU A 45 -25.33 11.82 15.57
CA LEU A 45 -23.94 12.12 15.27
C LEU A 45 -23.54 13.52 15.79
N GLY A 46 -24.52 14.36 16.02
CA GLY A 46 -24.28 15.66 16.70
C GLY A 46 -23.61 15.54 18.05
N THR A 47 -23.95 14.52 18.83
CA THR A 47 -23.33 14.22 20.13
C THR A 47 -21.81 13.99 20.05
N LEU A 48 -21.39 13.59 18.87
CA LEU A 48 -19.96 13.33 18.52
C LEU A 48 -19.33 14.48 17.76
N GLY A 49 -20.04 15.55 17.51
CA GLY A 49 -19.43 16.67 16.80
C GLY A 49 -19.55 16.64 15.29
N ILE A 50 -20.34 15.69 14.76
CA ILE A 50 -20.52 15.51 13.33
C ILE A 50 -21.86 16.06 12.86
N GLY A 51 -21.92 16.50 11.60
CA GLY A 51 -23.25 16.67 10.89
C GLY A 51 -23.44 18.15 11.10
N PRO A 52 -24.62 18.70 10.77
CA PRO A 52 -25.81 18.00 10.24
C PRO A 52 -25.60 17.50 8.81
N GLY A 53 -26.50 16.63 8.36
CA GLY A 53 -26.33 15.98 7.05
C GLY A 53 -26.45 17.00 5.93
N VAL A 54 -25.69 16.78 4.86
CA VAL A 54 -25.74 17.65 3.64
C VAL A 54 -26.33 16.87 2.46
N ALA A 55 -27.37 17.42 1.86
CA ALA A 55 -28.04 16.77 0.74
C ALA A 55 -27.16 16.63 -0.47
N ASN A 56 -27.28 15.49 -1.15
CA ASN A 56 -26.70 15.30 -2.47
C ASN A 56 -27.47 14.20 -3.18
N LYS A 57 -28.33 14.62 -4.12
CA LYS A 57 -29.35 13.79 -4.74
C LYS A 57 -30.22 13.13 -3.70
N SER A 58 -30.48 11.83 -3.76
CA SER A 58 -31.36 11.26 -2.74
C SER A 58 -30.52 10.68 -1.64
N ARG A 59 -29.60 11.50 -1.10
CA ARG A 59 -28.65 11.11 -0.03
C ARG A 59 -28.43 12.29 0.87
N TYR A 60 -28.04 12.00 2.11
CA TYR A 60 -27.41 12.96 3.01
C TYR A 60 -26.08 12.42 3.43
N PHE A 61 -25.06 13.28 3.40
CA PHE A 61 -23.69 12.95 3.78
C PHE A 61 -23.25 13.69 5.03
N TYR A 62 -22.49 12.95 5.84
CA TYR A 62 -21.96 13.41 7.08
C TYR A 62 -20.46 13.23 6.95
N ARG A 63 -19.78 14.35 6.75
CA ARG A 63 -18.38 14.31 6.33
C ARG A 63 -17.46 14.85 7.39
N SER A 64 -16.24 14.33 7.43
CA SER A 64 -15.20 14.83 8.32
C SER A 64 -13.85 14.57 7.64
N PRO A 65 -12.74 15.12 8.20
CA PRO A 65 -11.43 14.89 7.60
C PRO A 65 -11.06 13.42 7.45
N ALA A 66 -11.53 12.54 8.32
CA ALA A 66 -11.21 11.11 8.17
C ALA A 66 -12.45 10.19 8.17
N GLY A 67 -13.39 10.48 7.27
CA GLY A 67 -14.45 9.54 6.94
C GLY A 67 -15.68 10.28 6.48
N THR A 68 -16.47 9.59 5.66
CA THR A 68 -17.75 10.06 5.23
C THR A 68 -18.80 8.98 5.46
N PHE A 69 -19.89 9.37 6.09
CA PHE A 69 -21.03 8.51 6.26
C PHE A 69 -22.19 9.07 5.49
N GLY A 70 -22.95 8.21 4.85
CA GLY A 70 -24.11 8.65 4.09
C GLY A 70 -25.30 7.74 4.28
N ILE A 71 -26.47 8.34 4.17
CA ILE A 71 -27.74 7.64 4.09
C ILE A 71 -28.35 7.84 2.73
N THR A 72 -28.93 6.77 2.17
CA THR A 72 -29.40 6.82 0.78
C THR A 72 -30.68 6.06 0.65
N THR A 73 -31.57 6.58 -0.17
CA THR A 73 -32.56 5.76 -0.86
C THR A 73 -31.86 4.68 -1.67
N PRO A 74 -32.30 3.42 -1.55
CA PRO A 74 -31.63 2.39 -2.30
C PRO A 74 -31.78 2.61 -3.82
N ILE A 75 -30.70 2.45 -4.57
CA ILE A 75 -30.79 2.66 -6.01
C ILE A 75 -31.73 1.72 -6.71
N ASN A 76 -31.97 0.50 -6.21
CA ASN A 76 -32.86 -0.41 -6.95
C ASN A 76 -34.35 -0.10 -6.80
N GLY A 77 -34.73 0.99 -6.11
CA GLY A 77 -36.14 1.36 -5.97
C GLY A 77 -36.97 0.56 -4.96
N GLN A 78 -36.36 -0.44 -4.33
CA GLN A 78 -37.04 -1.28 -3.32
C GLN A 78 -36.75 -0.75 -1.92
N PRO A 79 -37.55 -1.17 -0.92
CA PRO A 79 -37.33 -0.69 0.44
C PRO A 79 -35.92 -0.99 0.96
N ALA A 80 -35.37 -0.03 1.71
CA ALA A 80 -34.16 -0.22 2.44
C ALA A 80 -34.39 -1.26 3.52
N THR A 81 -33.35 -2.01 3.80
CA THR A 81 -33.38 -3.02 4.89
C THR A 81 -31.99 -3.03 5.55
N HIS A 82 -31.94 -3.53 6.76
CA HIS A 82 -30.69 -3.75 7.46
C HIS A 82 -30.10 -5.10 7.06
N GLY A 83 -28.80 -5.24 7.28
CA GLY A 83 -28.09 -6.47 7.05
C GLY A 83 -27.82 -7.14 8.38
N ASN A 84 -28.29 -8.37 8.51
CA ASN A 84 -28.03 -9.11 9.74
C ASN A 84 -26.55 -9.53 9.81
N GLY A 85 -25.87 -9.07 10.88
CA GLY A 85 -24.44 -9.25 11.05
C GLY A 85 -23.64 -8.02 10.71
N SER A 86 -24.32 -7.00 10.12
CA SER A 86 -23.70 -5.74 9.86
C SER A 86 -23.81 -4.86 11.14
N THR A 87 -22.74 -4.18 11.48
CA THR A 87 -22.72 -3.13 12.54
C THR A 87 -21.77 -2.05 12.08
N LEU A 88 -22.17 -0.82 12.26
CA LEU A 88 -21.35 0.31 11.93
C LEU A 88 -20.97 1.00 13.27
N GLY A 89 -19.68 1.14 13.53
CA GLY A 89 -19.19 1.66 14.78
C GLY A 89 -18.61 3.05 14.47
N PHE A 90 -19.08 4.06 15.20
CA PHE A 90 -18.55 5.41 15.12
C PHE A 90 -17.65 5.64 16.35
N ALA A 91 -16.50 6.24 16.12
CA ALA A 91 -15.55 6.54 17.23
C ALA A 91 -16.06 7.73 18.03
N ALA A 92 -15.99 7.61 19.34
CA ALA A 92 -16.41 8.64 20.28
C ALA A 92 -15.20 9.00 21.17
N GLN A 93 -15.19 10.21 21.65
CA GLN A 93 -14.05 10.71 22.44
C GLN A 93 -14.11 10.42 23.91
N SER A 94 -15.21 9.87 24.41
CA SER A 94 -15.33 9.55 25.82
C SER A 94 -16.52 8.64 26.02
N PRO A 95 -16.62 8.01 27.22
CA PRO A 95 -17.82 7.23 27.61
C PRO A 95 -19.08 8.10 27.68
N GLU A 96 -18.90 9.31 28.17
CA GLU A 96 -20.05 10.26 28.20
C GLU A 96 -20.61 10.50 26.79
N GLN A 97 -19.74 10.59 25.78
CA GLN A 97 -20.26 10.78 24.41
C GLN A 97 -21.05 9.54 23.93
N CYS A 98 -20.55 8.37 24.29
CA CYS A 98 -21.28 7.11 24.06
C CYS A 98 -22.64 7.14 24.69
N ASP A 99 -22.73 7.54 25.96
CA ASP A 99 -24.05 7.66 26.60
C ASP A 99 -24.99 8.66 25.92
N ALA A 100 -24.42 9.80 25.56
CA ALA A 100 -25.18 10.85 24.93
C ALA A 100 -25.70 10.43 23.52
N PHE A 101 -24.82 9.77 22.76
CA PHE A 101 -25.18 9.11 21.46
C PHE A 101 -26.42 8.20 21.64
N HIS A 102 -26.37 7.30 22.61
CA HIS A 102 -27.46 6.39 22.86
C HIS A 102 -28.78 7.15 23.19
N ALA A 103 -28.72 8.14 24.10
CA ALA A 103 -29.90 8.89 24.50
C ALA A 103 -30.47 9.70 23.32
N ALA A 104 -29.60 10.34 22.57
CA ALA A 104 -30.04 11.13 21.44
C ALA A 104 -30.69 10.26 20.36
N GLY A 105 -30.11 9.11 20.07
CA GLY A 105 -30.71 8.28 19.03
C GLY A 105 -32.09 7.78 19.42
N ILE A 106 -32.17 7.29 20.63
CA ILE A 106 -33.45 6.87 21.23
C ILE A 106 -34.49 7.96 21.20
N ALA A 107 -34.14 9.20 21.48
CA ALA A 107 -35.13 10.29 21.52
C ALA A 107 -35.54 10.72 20.12
N ASN A 108 -34.84 10.27 19.06
CA ASN A 108 -35.11 10.79 17.73
C ASN A 108 -35.30 9.74 16.67
N GLY A 109 -35.93 8.66 17.06
CA GLY A 109 -36.44 7.71 16.15
C GLY A 109 -35.74 6.33 16.22
N GLY A 110 -34.70 6.16 17.04
CA GLY A 110 -33.91 4.89 17.06
C GLY A 110 -34.44 3.99 18.12
N THR A 111 -33.89 2.78 18.24
CA THR A 111 -34.28 1.88 19.27
C THR A 111 -33.04 1.23 19.96
N THR A 112 -33.18 0.94 21.22
CA THR A 112 -32.06 0.45 22.00
C THR A 112 -31.84 -1.03 21.57
N CYS A 113 -30.61 -1.49 21.78
CA CYS A 113 -30.27 -2.90 21.62
C CYS A 113 -30.36 -3.51 23.02
N GLU A 114 -30.09 -4.80 23.14
CA GLU A 114 -30.32 -5.51 24.37
C GLU A 114 -29.36 -5.04 25.47
N GLU A 115 -28.12 -4.84 25.04
CA GLU A 115 -27.03 -4.46 25.92
C GLU A 115 -27.09 -2.94 26.23
N PRO A 116 -27.19 -2.56 27.51
CA PRO A 116 -27.13 -1.16 27.78
C PRO A 116 -25.70 -0.58 27.58
N PRO A 117 -25.55 0.72 27.33
CA PRO A 117 -24.20 1.26 27.20
C PRO A 117 -23.40 0.86 28.44
N GLY A 118 -22.14 0.59 28.28
CA GLY A 118 -21.28 0.17 29.39
C GLY A 118 -19.89 -0.24 28.90
N PHE A 119 -19.01 -0.56 29.84
CA PHE A 119 -17.67 -1.14 29.51
C PHE A 119 -17.78 -2.61 29.17
N ARG A 120 -17.00 -3.07 28.18
CA ARG A 120 -16.94 -4.49 27.76
C ARG A 120 -15.48 -4.81 27.93
N ASP A 121 -15.17 -5.98 28.49
CA ASP A 121 -13.76 -6.31 28.70
C ASP A 121 -13.04 -6.82 27.44
N LEU A 127 -12.85 -1.32 26.56
CA LEU A 127 -13.78 -0.51 25.70
C LEU A 127 -15.07 -0.04 26.34
N TYR A 128 -15.52 1.15 25.96
CA TYR A 128 -16.87 1.57 26.27
C TYR A 128 -17.76 1.57 25.01
N LEU A 129 -18.95 0.99 25.09
CA LEU A 129 -19.79 0.76 23.86
C LEU A 129 -21.22 1.14 24.12
N ALA A 130 -21.87 1.73 23.14
CA ALA A 130 -23.29 1.99 23.20
C ALA A 130 -23.86 1.60 21.89
N TYR A 131 -24.77 0.67 21.87
CA TYR A 131 -25.37 0.15 20.62
C TYR A 131 -26.83 0.63 20.48
N LEU A 132 -27.30 0.81 19.24
CA LEU A 132 -28.65 1.26 18.92
C LEU A 132 -28.97 0.69 17.54
N ARG A 133 -30.24 0.80 17.12
CA ARG A 133 -30.66 0.64 15.74
C ARG A 133 -31.29 1.93 15.27
N ASP A 134 -31.03 2.22 14.00
CA ASP A 134 -31.63 3.37 13.38
C ASP A 134 -33.10 3.03 13.03
N PRO A 135 -33.87 4.01 12.47
CA PRO A 135 -35.30 3.80 12.21
C PRO A 135 -35.56 2.62 11.25
N ASP A 136 -34.59 2.27 10.43
CA ASP A 136 -34.73 1.12 9.54
C ASP A 136 -34.08 -0.20 10.00
N GLY A 137 -33.55 -0.21 11.19
CA GLY A 137 -33.00 -1.41 11.79
C GLY A 137 -31.49 -1.56 11.66
N ASN A 138 -30.87 -0.63 10.94
CA ASN A 138 -29.40 -0.63 10.81
C ASN A 138 -28.76 -0.51 12.19
N LYS A 139 -27.91 -1.50 12.52
CA LYS A 139 -27.27 -1.50 13.83
C LYS A 139 -26.01 -0.61 13.86
N ILE A 140 -25.93 0.26 14.85
CA ILE A 140 -24.86 1.18 14.94
C ILE A 140 -24.37 1.20 16.38
N CYS A 141 -23.19 1.77 16.61
CA CYS A 141 -22.51 1.65 17.83
C CYS A 141 -21.61 2.87 17.94
N ALA A 142 -21.50 3.44 19.15
CA ALA A 142 -20.43 4.42 19.44
C ALA A 142 -19.43 3.70 20.34
N LEU A 143 -18.17 3.87 20.03
CA LEU A 143 -17.14 3.12 20.70
C LEU A 143 -16.06 4.09 21.15
N HIS A 144 -15.68 3.95 22.42
CA HIS A 144 -14.58 4.72 22.98
C HIS A 144 -13.56 3.80 23.65
N ARG A 145 -12.31 4.00 23.32
CA ARG A 145 -11.21 3.31 23.99
C ARG A 145 -10.35 4.31 24.78
N PRO A 146 -10.35 4.24 26.12
CA PRO A 146 -9.64 5.21 27.01
C PRO A 146 -8.14 4.95 27.17
N SER B 22 11.77 2.22 3.88
CA SER B 22 12.31 2.53 2.51
C SER B 22 11.35 2.00 1.43
N PHE B 24 12.60 0.87 -1.07
CA PHE B 24 13.40 -0.28 -1.51
C PHE B 24 13.68 -1.34 -0.47
N SER B 25 13.38 -2.60 -0.74
CA SER B 25 13.72 -3.65 0.22
C SER B 25 15.20 -3.92 0.10
N HIS B 26 15.75 -3.90 -1.10
CA HIS B 26 17.15 -4.30 -1.32
C HIS B 26 17.56 -4.02 -2.75
N VAL B 27 18.86 -3.88 -2.94
CA VAL B 27 19.43 -3.68 -4.25
C VAL B 27 20.65 -4.58 -4.36
N VAL B 29 23.86 -5.66 -6.99
CA VAL B 29 24.63 -5.39 -8.22
C VAL B 29 25.51 -6.62 -8.52
N GLY B 30 25.77 -6.82 -9.80
CA GLY B 30 26.55 -7.95 -10.22
C GLY B 30 28.02 -7.54 -10.18
N VAL B 31 28.86 -8.45 -9.74
CA VAL B 31 30.31 -8.24 -9.79
C VAL B 31 31.00 -9.48 -10.34
N ASN B 32 32.18 -9.28 -10.90
CA ASN B 32 32.96 -10.40 -11.47
C ASN B 32 33.97 -11.02 -10.53
N ASP B 33 34.48 -10.26 -9.56
CA ASP B 33 35.39 -10.80 -8.53
C ASP B 33 34.86 -10.41 -7.14
N LEU B 34 34.30 -11.37 -6.44
CA LEU B 34 33.66 -11.05 -5.18
C LEU B 34 34.61 -10.44 -4.18
N GLU B 35 35.84 -11.01 -4.11
CA GLU B 35 36.82 -10.53 -3.15
C GLU B 35 37.33 -9.16 -3.46
N VAL B 36 37.56 -8.87 -4.71
CA VAL B 36 37.89 -7.50 -5.07
C VAL B 36 36.72 -6.53 -4.73
N SER B 37 35.49 -6.93 -5.04
CA SER B 37 34.33 -6.02 -4.77
C SER B 37 34.07 -5.86 -3.28
N LYS B 38 34.22 -6.93 -2.51
CA LYS B 38 34.05 -6.85 -1.08
C LYS B 38 35.04 -5.86 -0.51
N LYS B 39 36.28 -5.88 -0.96
CA LYS B 39 37.25 -4.93 -0.43
C LYS B 39 36.84 -3.47 -0.76
N PHE B 40 36.34 -3.28 -1.97
CA PHE B 40 35.88 -1.99 -2.40
C PHE B 40 34.69 -1.52 -1.51
N TYR B 41 33.65 -2.37 -1.37
CA TYR B 41 32.40 -1.93 -0.69
C TYR B 41 32.61 -1.83 0.84
N ASP B 42 33.43 -2.71 1.40
CA ASP B 42 33.74 -2.63 2.82
C ASP B 42 34.32 -1.26 3.16
N ALA B 43 35.27 -0.78 2.35
CA ALA B 43 35.89 0.53 2.54
C ALA B 43 34.92 1.68 2.20
N LEU B 44 34.26 1.57 1.06
CA LEU B 44 33.33 2.59 0.63
C LEU B 44 32.20 2.75 1.65
N LEU B 45 31.51 1.65 1.92
CA LEU B 45 30.32 1.68 2.77
C LEU B 45 30.71 1.90 4.24
N GLY B 46 31.90 1.43 4.61
CA GLY B 46 32.42 1.73 5.94
C GLY B 46 32.36 3.21 6.31
N THR B 47 32.56 4.09 5.34
CA THR B 47 32.58 5.51 5.56
C THR B 47 31.20 6.02 6.01
N LEU B 48 30.14 5.22 5.71
CA LEU B 48 28.77 5.62 6.06
C LEU B 48 28.32 4.83 7.24
N GLY B 49 29.20 4.01 7.80
CA GLY B 49 28.85 3.22 8.95
C GLY B 49 28.24 1.89 8.63
N ILE B 50 28.32 1.43 7.40
CA ILE B 50 27.71 0.18 6.98
C ILE B 50 28.89 -0.83 7.04
N GLY B 51 28.72 -1.89 7.84
CA GLY B 51 29.82 -2.76 8.50
C GLY B 51 30.17 -3.64 7.37
N PRO B 52 31.25 -4.46 7.52
CA PRO B 52 31.73 -5.13 6.31
C PRO B 52 30.75 -6.18 5.79
N GLY B 53 30.94 -6.62 4.57
CA GLY B 53 30.00 -7.54 3.98
C GLY B 53 30.02 -8.91 4.61
N VAL B 54 28.84 -9.53 4.67
CA VAL B 54 28.74 -10.88 5.21
C VAL B 54 28.47 -11.87 4.08
N ALA B 55 29.19 -12.99 4.08
CA ALA B 55 29.09 -13.98 2.99
C ALA B 55 27.79 -14.71 3.04
N ASN B 56 27.26 -15.04 1.88
CA ASN B 56 26.12 -15.95 1.79
C ASN B 56 26.07 -16.43 0.34
N LYS B 57 26.42 -17.69 0.13
CA LYS B 57 26.64 -18.21 -1.22
C LYS B 57 27.68 -17.36 -1.90
N SER B 58 27.51 -17.11 -3.20
CA SER B 58 28.42 -16.29 -3.93
C SER B 58 27.97 -14.84 -3.91
N ARG B 59 27.73 -14.33 -2.70
CA ARG B 59 27.24 -12.98 -2.46
C ARG B 59 27.82 -12.47 -1.15
N TYR B 60 27.98 -11.16 -1.05
CA TYR B 60 28.20 -10.52 0.19
C TYR B 60 27.10 -9.50 0.39
N PHE B 61 26.54 -9.53 1.60
CA PHE B 61 25.46 -8.65 2.00
C PHE B 61 25.92 -7.59 3.02
N TYR B 62 25.42 -6.36 2.80
CA TYR B 62 25.64 -5.18 3.60
C TYR B 62 24.25 -4.78 4.08
N ARG B 63 23.94 -5.12 5.33
CA ARG B 63 22.58 -4.89 5.87
C ARG B 63 22.56 -3.78 6.88
N SER B 64 21.37 -3.21 7.09
CA SER B 64 21.16 -2.25 8.16
C SER B 64 19.69 -2.27 8.39
N PRO B 65 19.22 -1.57 9.46
CA PRO B 65 17.79 -1.56 9.78
C PRO B 65 16.91 -1.07 8.63
N ALA B 66 17.40 -0.18 7.78
CA ALA B 66 16.53 0.28 6.69
C ALA B 66 17.08 0.01 5.29
N GLY B 67 17.46 -1.24 4.99
CA GLY B 67 17.81 -1.64 3.63
C GLY B 67 18.99 -2.57 3.58
N THR B 68 19.01 -3.35 2.50
CA THR B 68 20.06 -4.32 2.30
C THR B 68 20.64 -4.09 0.95
N PHE B 69 21.98 -4.06 0.91
CA PHE B 69 22.71 -4.02 -0.33
C PHE B 69 23.48 -5.33 -0.49
N GLY B 70 23.56 -5.86 -1.72
CA GLY B 70 24.34 -7.06 -1.96
C GLY B 70 25.17 -6.96 -3.22
N ILE B 71 26.30 -7.67 -3.21
CA ILE B 71 27.09 -7.92 -4.42
C ILE B 71 26.97 -9.39 -4.74
N THR B 72 26.87 -9.71 -6.01
CA THR B 72 26.68 -11.11 -6.40
C THR B 72 27.36 -11.48 -7.67
N THR B 73 27.84 -12.70 -7.74
CA THR B 73 28.19 -13.25 -9.02
C THR B 73 26.85 -13.54 -9.70
N PRO B 74 26.72 -13.24 -11.01
CA PRO B 74 25.37 -13.44 -11.64
C PRO B 74 24.91 -14.92 -11.64
N ILE B 75 23.63 -15.14 -11.31
CA ILE B 75 23.06 -16.47 -11.26
C ILE B 75 23.16 -17.23 -12.57
N ASN B 76 23.17 -16.55 -13.71
CA ASN B 76 23.16 -17.22 -15.00
C ASN B 76 24.55 -17.71 -15.48
N GLY B 77 25.59 -17.62 -14.65
CA GLY B 77 26.92 -18.07 -15.00
C GLY B 77 27.66 -17.17 -15.96
N GLN B 78 27.05 -16.07 -16.44
CA GLN B 78 27.68 -15.20 -17.40
C GLN B 78 28.29 -14.03 -16.67
N PRO B 79 29.17 -13.26 -17.34
CA PRO B 79 29.84 -12.15 -16.66
C PRO B 79 28.88 -11.07 -16.19
N ALA B 80 29.21 -10.44 -15.08
CA ALA B 80 28.46 -9.30 -14.56
C ALA B 80 28.73 -8.15 -15.48
N THR B 81 27.73 -7.32 -15.67
CA THR B 81 27.92 -6.11 -16.46
C THR B 81 27.19 -5.01 -15.72
N HIS B 82 27.55 -3.77 -16.02
CA HIS B 82 26.83 -2.60 -15.49
C HIS B 82 25.74 -2.25 -16.48
N GLY B 83 24.67 -1.65 -15.98
CA GLY B 83 23.49 -1.29 -16.76
C GLY B 83 23.62 0.18 -17.03
N ASN B 84 23.72 0.56 -18.30
CA ASN B 84 23.93 1.97 -18.66
C ASN B 84 22.63 2.69 -18.39
N GLY B 85 22.73 3.71 -17.51
CA GLY B 85 21.59 4.49 -17.03
C GLY B 85 21.18 4.14 -15.61
N SER B 86 21.74 3.06 -15.09
CA SER B 86 21.58 2.67 -13.70
C SER B 86 22.51 3.54 -12.86
N THR B 87 21.99 4.01 -11.72
CA THR B 87 22.83 4.66 -10.67
C THR B 87 22.22 4.20 -9.34
N LEU B 88 23.06 3.77 -8.44
CA LEU B 88 22.67 3.43 -7.09
C LEU B 88 23.15 4.55 -6.14
N GLY B 89 22.21 5.17 -5.45
CA GLY B 89 22.51 6.27 -4.51
C GLY B 89 22.44 5.76 -3.06
N PHE B 90 23.54 5.91 -2.31
CA PHE B 90 23.53 5.64 -0.85
C PHE B 90 23.32 6.95 -0.08
N ALA B 91 22.46 6.92 0.95
CA ALA B 91 22.22 8.07 1.80
C ALA B 91 23.44 8.29 2.71
N ALA B 92 23.89 9.50 2.78
CA ALA B 92 25.02 9.90 3.67
C ALA B 92 24.51 10.92 4.68
N GLN B 93 25.11 10.94 5.85
CA GLN B 93 24.68 11.87 6.94
C GLN B 93 25.25 13.28 6.83
N SER B 94 26.24 13.46 5.96
CA SER B 94 26.88 14.77 5.80
C SER B 94 27.64 14.86 4.50
N PRO B 95 28.01 16.09 4.10
CA PRO B 95 28.88 16.31 2.96
C PRO B 95 30.26 15.64 3.18
N GLU B 96 30.73 15.65 4.43
CA GLU B 96 32.01 15.00 4.77
C GLU B 96 32.02 13.47 4.54
N GLN B 97 30.93 12.81 4.86
CA GLN B 97 30.84 11.36 4.58
C GLN B 97 30.84 11.11 3.07
N CYS B 98 30.20 12.01 2.33
CA CYS B 98 30.24 11.96 0.84
C CYS B 98 31.66 12.04 0.30
N ASP B 99 32.43 13.04 0.77
CA ASP B 99 33.84 13.11 0.43
C ASP B 99 34.60 11.87 0.86
N ALA B 100 34.36 11.40 2.09
CA ALA B 100 35.06 10.20 2.60
C ALA B 100 34.78 9.02 1.73
N PHE B 101 33.50 8.91 1.38
CA PHE B 101 33.00 7.79 0.52
C PHE B 101 33.78 7.78 -0.76
N HIS B 102 33.83 8.93 -1.41
CA HIS B 102 34.54 9.05 -2.67
C HIS B 102 36.05 8.71 -2.57
N ALA B 103 36.72 9.31 -1.57
CA ALA B 103 38.14 9.05 -1.33
C ALA B 103 38.41 7.55 -1.09
N ALA B 104 37.61 6.89 -0.27
CA ALA B 104 37.84 5.50 0.02
C ALA B 104 37.60 4.62 -1.22
N GLY B 105 36.66 5.04 -2.07
CA GLY B 105 36.30 4.25 -3.23
C GLY B 105 37.44 4.26 -4.23
N ILE B 106 37.90 5.47 -4.53
CA ILE B 106 39.03 5.71 -5.42
C ILE B 106 40.31 5.01 -4.95
N ALA B 107 40.53 4.94 -3.65
CA ALA B 107 41.71 4.29 -3.13
C ALA B 107 41.52 2.79 -3.09
N ASN B 108 40.33 2.24 -3.38
CA ASN B 108 40.17 0.79 -3.19
C ASN B 108 39.61 0.03 -4.38
N GLY B 109 39.88 0.54 -5.57
CA GLY B 109 39.59 -0.18 -6.77
C GLY B 109 38.57 0.49 -7.63
N GLY B 110 37.99 1.59 -7.17
CA GLY B 110 37.03 2.37 -7.98
C GLY B 110 37.65 3.45 -8.79
N THR B 111 36.83 4.11 -9.60
CA THR B 111 37.27 5.14 -10.47
C THR B 111 36.32 6.31 -10.38
N THR B 112 36.86 7.50 -10.55
CA THR B 112 36.06 8.71 -10.40
C THR B 112 35.16 8.81 -11.61
N CYS B 113 34.11 9.61 -11.49
CA CYS B 113 33.29 9.97 -12.60
C CYS B 113 33.75 11.35 -13.03
N GLU B 114 33.02 11.92 -13.99
CA GLU B 114 33.28 13.22 -14.59
C GLU B 114 33.45 14.28 -13.54
N GLU B 115 32.39 14.47 -12.75
CA GLU B 115 32.31 15.56 -11.80
C GLU B 115 32.90 15.17 -10.44
N PRO B 116 33.58 16.13 -9.79
CA PRO B 116 34.09 15.84 -8.43
C PRO B 116 32.95 15.90 -7.39
N PRO B 117 33.19 15.40 -6.16
CA PRO B 117 32.16 15.62 -5.13
C PRO B 117 31.80 17.11 -5.00
N GLY B 118 30.54 17.45 -4.77
CA GLY B 118 30.18 18.86 -4.75
C GLY B 118 28.70 19.07 -4.56
N PHE B 119 28.33 20.31 -4.21
CA PHE B 119 26.91 20.69 -4.05
C PHE B 119 26.23 20.78 -5.43
N ARG B 120 24.92 20.58 -5.47
CA ARG B 120 24.12 20.79 -6.67
C ARG B 120 22.77 21.28 -6.17
N ASP B 121 22.12 22.15 -6.95
CA ASP B 121 20.72 22.55 -6.71
C ASP B 121 19.83 21.86 -7.73
N GLY B 122 19.97 20.54 -7.83
CA GLY B 122 19.22 19.76 -8.83
C GLY B 122 17.75 19.91 -8.54
N ALA B 123 16.95 20.18 -9.59
CA ALA B 123 15.51 20.46 -9.47
C ALA B 123 14.83 19.37 -8.62
N VAL B 124 14.90 19.56 -7.30
CA VAL B 124 14.79 18.53 -6.27
C VAL B 124 15.15 19.14 -4.89
N GLY B 125 15.97 20.20 -4.90
CA GLY B 125 16.51 20.84 -3.68
C GLY B 125 18.04 20.93 -3.76
N LYS B 126 18.66 21.54 -2.74
CA LYS B 126 20.13 21.60 -2.62
C LYS B 126 20.76 20.30 -2.02
N LEU B 127 21.70 19.68 -2.73
CA LEU B 127 22.16 18.32 -2.43
C LEU B 127 23.67 18.33 -2.45
N TYR B 128 24.30 17.43 -1.72
CA TYR B 128 25.71 17.18 -1.92
C TYR B 128 25.82 15.77 -2.48
N LEU B 129 26.67 15.59 -3.51
CA LEU B 129 26.78 14.32 -4.25
C LEU B 129 28.20 13.97 -4.47
N ALA B 130 28.50 12.70 -4.35
CA ALA B 130 29.79 12.19 -4.78
C ALA B 130 29.55 10.91 -5.57
N TYR B 131 29.96 10.88 -6.83
CA TYR B 131 29.83 9.74 -7.75
C TYR B 131 31.15 9.02 -8.02
N LEU B 132 31.06 7.73 -8.22
CA LEU B 132 32.15 6.87 -8.63
C LEU B 132 31.61 5.70 -9.43
N ARG B 133 32.53 4.95 -10.03
CA ARG B 133 32.28 3.61 -10.50
C ARG B 133 33.00 2.64 -9.65
N ASP B 134 32.31 1.55 -9.32
CA ASP B 134 32.94 0.45 -8.70
C ASP B 134 33.85 -0.32 -9.69
N PRO B 135 34.52 -1.38 -9.22
CA PRO B 135 35.52 -2.12 -10.01
C PRO B 135 34.93 -2.76 -11.24
N ASP B 136 33.62 -3.02 -11.27
CA ASP B 136 32.94 -3.56 -12.47
C ASP B 136 32.22 -2.50 -13.29
N GLY B 137 32.39 -1.23 -12.97
CA GLY B 137 31.74 -0.18 -13.72
C GLY B 137 30.33 0.22 -13.24
N ASN B 138 29.82 -0.41 -12.19
CA ASN B 138 28.52 -0.02 -11.63
C ASN B 138 28.66 1.41 -11.09
N LYS B 139 27.75 2.28 -11.53
CA LYS B 139 27.78 3.64 -11.11
C LYS B 139 27.08 3.81 -9.75
N ILE B 140 27.77 4.45 -8.83
CA ILE B 140 27.19 4.62 -7.53
C ILE B 140 27.46 6.03 -7.04
N CYS B 141 26.75 6.39 -6.00
CA CYS B 141 26.68 7.73 -5.57
C CYS B 141 26.43 7.79 -4.05
N ALA B 142 27.02 8.77 -3.34
CA ALA B 142 26.64 9.11 -1.97
C ALA B 142 25.97 10.47 -2.05
N LEU B 143 24.80 10.57 -1.42
CA LEU B 143 23.98 11.75 -1.45
C LEU B 143 23.63 12.19 -0.03
N HIS B 144 23.84 13.45 0.23
CA HIS B 144 23.42 14.07 1.47
C HIS B 144 22.47 15.24 1.18
N ARG B 145 21.35 15.34 1.90
CA ARG B 145 20.45 16.51 1.74
C ARG B 145 20.76 17.63 2.72
N SER C 22 -10.11 8.70 12.50
CA SER C 22 -11.19 8.09 11.66
C SER C 22 -12.56 8.26 12.28
N PHE C 24 -15.01 6.25 11.82
CA PHE C 24 -15.47 4.92 12.15
C PHE C 24 -14.44 4.16 13.01
N SER C 25 -14.87 3.61 14.14
CA SER C 25 -14.02 2.75 14.95
C SER C 25 -13.92 1.39 14.26
N HIS C 26 -15.05 0.91 13.74
CA HIS C 26 -15.06 -0.41 13.13
C HIS C 26 -16.30 -0.66 12.29
N VAL C 27 -16.22 -1.63 11.36
CA VAL C 27 -17.35 -2.04 10.58
C VAL C 27 -17.35 -3.54 10.53
N VAL C 29 -19.47 -6.95 8.91
CA VAL C 29 -20.51 -7.48 8.02
C VAL C 29 -20.79 -8.92 8.39
N GLY C 30 -22.00 -9.38 8.08
CA GLY C 30 -22.36 -10.77 8.35
C GLY C 30 -21.99 -11.70 7.23
N VAL C 31 -21.47 -12.86 7.58
CA VAL C 31 -21.17 -13.85 6.53
C VAL C 31 -21.75 -15.21 6.94
N ASN C 32 -22.06 -16.05 5.96
CA ASN C 32 -22.68 -17.35 6.22
C ASN C 32 -21.65 -18.47 6.24
N ASP C 33 -20.42 -18.17 5.79
CA ASP C 33 -19.32 -19.14 5.85
C ASP C 33 -18.01 -18.44 6.11
N LEU C 34 -17.61 -18.48 7.38
CA LEU C 34 -16.48 -17.72 7.81
C LEU C 34 -15.16 -18.00 7.07
N GLU C 35 -14.91 -19.27 6.71
CA GLU C 35 -13.66 -19.65 6.13
C GLU C 35 -13.61 -19.24 4.68
N VAL C 36 -14.71 -19.45 3.97
CA VAL C 36 -14.88 -18.90 2.63
C VAL C 36 -14.65 -17.36 2.63
N SER C 37 -15.25 -16.63 3.58
CA SER C 37 -15.12 -15.17 3.60
C SER C 37 -13.73 -14.72 4.02
N LYS C 38 -13.09 -15.42 4.95
CA LYS C 38 -11.72 -15.17 5.35
C LYS C 38 -10.78 -15.24 4.13
N LYS C 39 -11.00 -16.22 3.28
CA LYS C 39 -10.12 -16.40 2.15
C LYS C 39 -10.34 -15.27 1.13
N PHE C 40 -11.59 -14.92 0.88
CA PHE C 40 -11.90 -13.71 0.08
C PHE C 40 -11.25 -12.41 0.63
N TYR C 41 -11.49 -12.10 1.90
CA TYR C 41 -11.00 -10.82 2.49
C TYR C 41 -9.48 -10.77 2.66
N ASP C 42 -8.87 -11.90 3.01
CA ASP C 42 -7.40 -12.04 3.01
C ASP C 42 -6.83 -11.60 1.67
N ALA C 43 -7.40 -12.15 0.61
CA ALA C 43 -6.95 -11.86 -0.74
C ALA C 43 -7.25 -10.41 -1.12
N LEU C 44 -8.45 -9.98 -0.78
CA LEU C 44 -8.92 -8.68 -1.18
C LEU C 44 -8.19 -7.56 -0.45
N LEU C 45 -8.24 -7.60 0.86
CA LEU C 45 -7.66 -6.54 1.64
C LEU C 45 -6.14 -6.62 1.67
N GLY C 46 -5.56 -7.80 1.43
CA GLY C 46 -4.10 -7.90 1.26
C GLY C 46 -3.60 -6.92 0.18
N THR C 47 -4.40 -6.66 -0.84
CA THR C 47 -3.96 -5.80 -1.93
C THR C 47 -3.81 -4.35 -1.43
N LEU C 48 -4.50 -4.03 -0.34
CA LEU C 48 -4.40 -2.71 0.30
C LEU C 48 -3.48 -2.75 1.48
N GLY C 49 -2.76 -3.85 1.63
CA GLY C 49 -1.76 -3.95 2.70
C GLY C 49 -2.34 -4.27 4.09
N ILE C 50 -3.55 -4.78 4.13
CA ILE C 50 -4.25 -5.13 5.35
C ILE C 50 -4.09 -6.65 5.53
N GLY C 51 -3.42 -7.03 6.67
CA GLY C 51 -2.71 -8.38 7.00
C GLY C 51 -3.87 -9.30 7.16
N PRO C 52 -3.63 -10.60 7.27
CA PRO C 52 -4.78 -11.48 7.19
C PRO C 52 -5.67 -11.45 8.41
N GLY C 53 -6.82 -12.06 8.27
CA GLY C 53 -7.84 -12.05 9.31
C GLY C 53 -7.38 -12.78 10.55
N VAL C 54 -7.72 -12.28 11.72
CA VAL C 54 -7.33 -12.90 13.04
C VAL C 54 -8.61 -13.29 13.74
N ALA C 55 -8.68 -14.55 14.14
CA ALA C 55 -9.85 -15.16 14.78
C ALA C 55 -10.16 -14.55 16.13
N ASN C 56 -11.46 -14.45 16.42
CA ASN C 56 -11.89 -14.13 17.72
C ASN C 56 -13.36 -14.47 17.85
N LYS C 57 -13.62 -15.61 18.49
CA LYS C 57 -14.97 -16.16 18.59
C LYS C 57 -15.43 -16.49 17.17
N SER C 58 -16.68 -16.26 16.80
CA SER C 58 -17.09 -16.53 15.41
C SER C 58 -16.92 -15.32 14.48
N ARG C 59 -15.71 -14.73 14.52
CA ARG C 59 -15.32 -13.57 13.72
C ARG C 59 -13.88 -13.65 13.28
N TYR C 60 -13.59 -12.97 12.17
CA TYR C 60 -12.25 -12.61 11.84
C TYR C 60 -12.15 -11.10 11.72
N PHE C 61 -11.06 -10.57 12.27
CA PHE C 61 -10.79 -9.13 12.33
C PHE C 61 -9.59 -8.77 11.50
N TYR C 62 -9.72 -7.63 10.84
CA TYR C 62 -8.70 -7.08 9.94
C TYR C 62 -8.40 -5.68 10.46
N ARG C 63 -7.35 -5.59 11.23
CA ARG C 63 -7.04 -4.38 11.97
C ARG C 63 -6.01 -3.55 11.23
N SER C 64 -6.13 -2.24 11.34
CA SER C 64 -5.06 -1.31 10.93
C SER C 64 -4.92 -0.27 12.03
N PRO C 65 -3.94 0.65 11.86
CA PRO C 65 -3.85 1.74 12.80
C PRO C 65 -5.03 2.71 12.79
N ALA C 66 -5.84 2.76 11.74
CA ALA C 66 -7.04 3.62 11.84
C ALA C 66 -8.31 2.98 11.29
N GLY C 67 -8.92 2.12 12.15
CA GLY C 67 -10.05 1.27 11.78
C GLY C 67 -9.81 -0.23 11.75
N THR C 68 -10.88 -0.93 12.10
CA THR C 68 -10.95 -2.37 12.08
C THR C 68 -12.15 -2.79 11.26
N PHE C 69 -11.93 -3.78 10.40
CA PHE C 69 -13.02 -4.43 9.68
C PHE C 69 -13.19 -5.81 10.20
N GLY C 70 -14.44 -6.27 10.30
CA GLY C 70 -14.68 -7.65 10.73
C GLY C 70 -15.75 -8.39 9.97
N ILE C 71 -15.58 -9.69 9.84
CA ILE C 71 -16.61 -10.56 9.27
C ILE C 71 -17.10 -11.42 10.42
N THR C 72 -18.41 -11.63 10.46
CA THR C 72 -19.00 -12.32 11.63
C THR C 72 -20.14 -13.21 11.24
N THR C 73 -20.26 -14.30 11.98
CA THR C 73 -21.49 -15.08 12.08
C THR C 73 -22.47 -14.21 12.89
N PRO C 74 -23.70 -13.98 12.39
CA PRO C 74 -24.57 -13.05 13.16
C PRO C 74 -24.83 -13.54 14.56
N ILE C 75 -24.80 -12.64 15.53
CA ILE C 75 -24.96 -13.08 16.95
C ILE C 75 -26.38 -13.61 17.22
N ASN C 76 -27.36 -13.33 16.37
CA ASN C 76 -28.74 -13.83 16.71
C ASN C 76 -28.99 -15.24 16.24
N GLY C 77 -27.94 -15.87 15.68
CA GLY C 77 -28.06 -17.23 15.14
C GLY C 77 -28.84 -17.37 13.85
N GLN C 78 -29.31 -16.26 13.26
CA GLN C 78 -30.01 -16.29 12.02
C GLN C 78 -29.04 -15.98 10.87
N PRO C 79 -29.42 -16.31 9.66
CA PRO C 79 -28.55 -16.13 8.48
C PRO C 79 -28.15 -14.68 8.22
N ALA C 80 -26.95 -14.53 7.70
CA ALA C 80 -26.38 -13.24 7.44
C ALA C 80 -27.11 -12.73 6.27
N THR C 81 -27.37 -11.42 6.21
CA THR C 81 -27.99 -10.86 5.02
C THR C 81 -27.30 -9.56 4.84
N HIS C 82 -27.49 -8.97 3.69
CA HIS C 82 -26.98 -7.64 3.46
C HIS C 82 -28.12 -6.62 3.27
N GLY C 83 -27.94 -5.42 3.77
CA GLY C 83 -28.99 -4.42 3.82
C GLY C 83 -29.11 -3.68 2.48
N ASN C 84 -30.33 -3.54 1.95
CA ASN C 84 -30.49 -2.85 0.67
C ASN C 84 -30.23 -1.34 0.93
N GLY C 85 -29.27 -0.75 0.24
CA GLY C 85 -28.81 0.62 0.41
C GLY C 85 -27.43 0.69 1.03
N SER C 86 -26.92 -0.45 1.54
CA SER C 86 -25.69 -0.41 2.30
C SER C 86 -24.53 -0.65 1.33
N THR C 87 -23.47 0.11 1.51
CA THR C 87 -22.20 -0.01 0.74
C THR C 87 -21.08 0.31 1.71
N LEU C 88 -20.05 -0.52 1.70
CA LEU C 88 -18.84 -0.30 2.47
C LEU C 88 -17.68 0.06 1.55
N GLY C 89 -17.02 1.16 1.84
CA GLY C 89 -15.89 1.63 1.03
C GLY C 89 -14.54 1.54 1.72
N PHE C 90 -13.57 0.83 1.11
CA PHE C 90 -12.22 0.75 1.62
C PHE C 90 -11.32 1.77 0.92
N ALA C 91 -10.51 2.49 1.69
CA ALA C 91 -9.61 3.49 1.07
C ALA C 91 -8.44 2.81 0.39
N ALA C 92 -8.12 3.26 -0.79
CA ALA C 92 -6.98 2.76 -1.53
C ALA C 92 -6.02 3.89 -1.92
N GLN C 93 -4.76 3.55 -2.10
CA GLN C 93 -3.72 4.62 -2.31
C GLN C 93 -3.58 5.02 -3.74
N SER C 94 -4.25 4.32 -4.65
CA SER C 94 -4.14 4.57 -6.08
C SER C 94 -5.20 3.86 -6.86
N PRO C 95 -5.42 4.26 -8.12
CA PRO C 95 -6.32 3.54 -8.96
C PRO C 95 -5.86 2.12 -9.24
N GLU C 96 -4.53 1.91 -9.41
CA GLU C 96 -3.96 0.57 -9.57
C GLU C 96 -4.31 -0.32 -8.40
N GLN C 97 -4.38 0.24 -7.18
CA GLN C 97 -4.73 -0.60 -6.00
C GLN C 97 -6.19 -0.96 -6.03
N CYS C 98 -7.02 -0.03 -6.47
CA CYS C 98 -8.43 -0.29 -6.67
C CYS C 98 -8.60 -1.39 -7.71
N ASP C 99 -7.82 -1.39 -8.79
CA ASP C 99 -7.97 -2.44 -9.79
C ASP C 99 -7.46 -3.79 -9.23
N ALA C 100 -6.38 -3.78 -8.48
CA ALA C 100 -5.84 -5.05 -7.85
C ALA C 100 -6.83 -5.67 -6.86
N PHE C 101 -7.48 -4.81 -6.08
CA PHE C 101 -8.62 -5.20 -5.24
C PHE C 101 -9.74 -5.88 -6.00
N HIS C 102 -10.17 -5.24 -7.07
CA HIS C 102 -11.22 -5.73 -7.91
C HIS C 102 -10.82 -7.09 -8.47
N ALA C 103 -9.61 -7.21 -9.01
CA ALA C 103 -9.13 -8.47 -9.53
C ALA C 103 -9.08 -9.57 -8.44
N ALA C 104 -8.56 -9.26 -7.27
CA ALA C 104 -8.48 -10.24 -6.25
C ALA C 104 -9.88 -10.70 -5.86
N GLY C 105 -10.82 -9.75 -5.86
CA GLY C 105 -12.19 -10.09 -5.51
C GLY C 105 -12.82 -11.07 -6.46
N ILE C 106 -12.63 -10.80 -7.76
CA ILE C 106 -13.16 -11.68 -8.78
C ILE C 106 -12.44 -13.03 -8.80
N ALA C 107 -11.18 -13.05 -8.41
CA ALA C 107 -10.43 -14.31 -8.41
C ALA C 107 -10.82 -15.20 -7.23
N ASN C 108 -11.46 -14.65 -6.20
CA ASN C 108 -11.67 -15.37 -4.97
C ASN C 108 -13.12 -15.50 -4.54
N GLY C 109 -14.05 -15.40 -5.41
CA GLY C 109 -15.41 -15.70 -5.02
C GLY C 109 -16.37 -14.55 -5.05
N GLY C 110 -15.90 -13.35 -5.35
CA GLY C 110 -16.77 -12.21 -5.40
C GLY C 110 -17.30 -12.01 -6.77
N THR C 111 -18.24 -11.10 -6.95
CA THR C 111 -18.79 -10.83 -8.26
C THR C 111 -18.71 -9.30 -8.49
N THR C 112 -18.57 -8.90 -9.73
CA THR C 112 -18.45 -7.47 -10.01
C THR C 112 -19.87 -6.95 -9.97
N CYS C 113 -20.03 -5.65 -9.94
CA CYS C 113 -21.31 -5.01 -9.91
C CYS C 113 -21.45 -4.38 -11.30
N GLU C 114 -22.03 -3.19 -11.33
CA GLU C 114 -21.72 -2.22 -12.36
C GLU C 114 -21.71 -0.83 -11.62
N GLU C 115 -21.10 0.17 -12.25
CA GLU C 115 -20.31 0.03 -13.47
C GLU C 115 -18.98 -0.70 -13.21
N PRO C 116 -18.27 -1.06 -14.28
CA PRO C 116 -16.90 -1.49 -14.06
C PRO C 116 -16.01 -0.44 -13.38
N PRO C 117 -14.82 -0.84 -12.91
CA PRO C 117 -13.94 0.12 -12.24
C PRO C 117 -13.61 1.31 -13.13
N GLY C 118 -13.56 2.50 -12.55
CA GLY C 118 -13.22 3.65 -13.33
C GLY C 118 -13.33 4.93 -12.53
N PHE C 119 -13.02 6.02 -13.21
CA PHE C 119 -13.09 7.33 -12.62
C PHE C 119 -14.52 7.77 -12.61
N ARG C 120 -14.85 8.60 -11.64
CA ARG C 120 -16.18 9.15 -11.51
C ARG C 120 -15.92 10.55 -10.92
N ASP C 121 -16.86 11.49 -11.11
CA ASP C 121 -16.69 12.85 -10.56
C ASP C 121 -16.52 12.92 -9.04
N LYS C 126 -13.16 14.27 -8.13
CA LYS C 126 -12.69 13.16 -8.98
C LYS C 126 -12.24 11.94 -8.15
N LEU C 127 -12.83 10.78 -8.44
CA LEU C 127 -12.57 9.55 -7.68
C LEU C 127 -12.36 8.42 -8.60
N TYR C 128 -11.57 7.44 -8.15
CA TYR C 128 -11.55 6.16 -8.83
C TYR C 128 -12.22 5.12 -7.88
N LEU C 129 -13.09 4.33 -8.45
CA LEU C 129 -13.89 3.38 -7.70
C LEU C 129 -13.86 2.02 -8.35
N ALA C 130 -13.81 0.96 -7.56
CA ALA C 130 -14.03 -0.39 -8.04
C ALA C 130 -15.01 -1.10 -7.10
N TYR C 131 -16.14 -1.51 -7.63
CA TYR C 131 -17.22 -2.14 -6.89
C TYR C 131 -17.27 -3.65 -7.01
N LEU C 132 -17.62 -4.32 -5.92
CA LEU C 132 -17.82 -5.79 -5.88
C LEU C 132 -18.95 -6.16 -4.94
N ARG C 133 -19.44 -7.37 -5.06
CA ARG C 133 -20.16 -8.04 -3.98
C ARG C 133 -19.25 -9.14 -3.49
N ASP C 134 -19.17 -9.28 -2.18
CA ASP C 134 -18.49 -10.38 -1.56
C ASP C 134 -19.33 -11.69 -1.75
N PRO C 135 -18.81 -12.81 -1.31
CA PRO C 135 -19.49 -14.08 -1.51
C PRO C 135 -20.85 -14.12 -0.89
N ASP C 136 -21.12 -13.27 0.11
CA ASP C 136 -22.46 -13.20 0.75
C ASP C 136 -23.37 -12.13 0.15
N GLY C 137 -22.95 -11.40 -0.88
CA GLY C 137 -23.77 -10.34 -1.42
C GLY C 137 -23.50 -8.99 -0.71
N ASN C 138 -22.63 -8.93 0.27
CA ASN C 138 -22.27 -7.59 0.80
C ASN C 138 -21.63 -6.71 -0.30
N LYS C 139 -22.13 -5.47 -0.45
CA LYS C 139 -21.65 -4.58 -1.47
C LYS C 139 -20.51 -3.77 -0.97
N ILE C 140 -19.36 -3.83 -1.66
CA ILE C 140 -18.13 -3.19 -1.15
C ILE C 140 -17.44 -2.48 -2.31
N CYS C 141 -16.56 -1.55 -2.02
CA CYS C 141 -15.75 -0.95 -3.08
C CYS C 141 -14.46 -0.47 -2.52
N ALA C 142 -13.54 -0.29 -3.41
CA ALA C 142 -12.27 0.39 -3.09
C ALA C 142 -12.32 1.78 -3.75
N LEU C 143 -11.94 2.80 -3.00
CA LEU C 143 -12.01 4.17 -3.50
C LEU C 143 -10.70 4.88 -3.30
N HIS C 144 -10.22 5.51 -4.38
CA HIS C 144 -9.08 6.36 -4.31
C HIS C 144 -9.46 7.78 -4.77
N ARG C 145 -9.02 8.77 -4.02
CA ARG C 145 -9.16 10.18 -4.40
C ARG C 145 -7.78 10.80 -4.75
N PRO C 146 -7.55 11.17 -6.02
CA PRO C 146 -6.20 11.62 -6.47
C PRO C 146 -5.68 12.90 -5.83
N SER D 22 16.14 5.05 5.17
CA SER D 22 16.58 4.21 4.04
C SER D 22 18.11 4.24 3.80
N PHE D 24 19.33 3.66 1.06
CA PHE D 24 19.41 4.21 -0.28
C PHE D 24 18.68 5.54 -0.40
N SER D 25 19.32 6.56 -0.95
CA SER D 25 18.66 7.82 -1.21
C SER D 25 17.80 7.68 -2.47
N HIS D 26 18.28 6.98 -3.49
CA HIS D 26 17.60 6.91 -4.76
C HIS D 26 18.25 5.82 -5.61
N VAL D 27 17.47 5.31 -6.55
CA VAL D 27 17.92 4.36 -7.50
C VAL D 27 17.34 4.77 -8.87
N VAL D 29 17.31 3.58 -13.07
CA VAL D 29 17.58 2.60 -14.08
C VAL D 29 17.50 3.28 -15.45
N GLY D 30 18.23 2.74 -16.41
CA GLY D 30 18.18 3.29 -17.77
C GLY D 30 17.08 2.65 -18.60
N VAL D 31 16.47 3.48 -19.45
CA VAL D 31 15.40 3.02 -20.33
C VAL D 31 15.60 3.59 -21.75
N ASN D 32 15.19 2.81 -22.75
CA ASN D 32 15.36 3.24 -24.14
C ASN D 32 14.12 3.95 -24.68
N ASP D 33 12.99 3.82 -23.99
CA ASP D 33 11.75 4.51 -24.35
C ASP D 33 11.06 5.00 -23.11
N LEU D 34 11.21 6.29 -22.82
CA LEU D 34 10.69 6.77 -21.55
C LEU D 34 9.19 6.64 -21.41
N GLU D 35 8.40 6.85 -22.45
CA GLU D 35 6.94 6.76 -22.30
C GLU D 35 6.42 5.32 -22.06
N VAL D 36 7.01 4.35 -22.74
CA VAL D 36 6.72 2.93 -22.53
C VAL D 36 7.04 2.60 -21.06
N SER D 37 8.22 3.03 -20.59
CA SER D 37 8.63 2.74 -19.22
C SER D 37 7.76 3.41 -18.20
N LYS D 38 7.43 4.67 -18.42
CA LYS D 38 6.47 5.34 -17.56
C LYS D 38 5.14 4.61 -17.46
N LYS D 39 4.62 4.05 -18.55
CA LYS D 39 3.29 3.39 -18.48
C LYS D 39 3.44 2.14 -17.65
N PHE D 40 4.57 1.45 -17.84
CA PHE D 40 4.88 0.27 -17.05
C PHE D 40 5.05 0.57 -15.56
N TYR D 41 5.92 1.51 -15.20
CA TYR D 41 6.17 1.77 -13.80
C TYR D 41 4.97 2.42 -13.08
N ASP D 42 4.18 3.24 -13.79
CA ASP D 42 2.93 3.80 -13.18
C ASP D 42 2.02 2.68 -12.77
N ALA D 43 1.85 1.71 -13.67
CA ALA D 43 0.93 0.58 -13.38
C ALA D 43 1.50 -0.34 -12.28
N LEU D 44 2.80 -0.57 -12.41
CA LEU D 44 3.54 -1.50 -11.53
C LEU D 44 3.61 -0.90 -10.13
N LEU D 45 4.20 0.27 -10.03
CA LEU D 45 4.37 0.87 -8.72
C LEU D 45 3.08 1.42 -8.09
N GLY D 46 2.09 1.73 -8.91
CA GLY D 46 0.75 2.02 -8.38
C GLY D 46 0.18 0.96 -7.45
N THR D 47 0.45 -0.31 -7.71
CA THR D 47 -0.01 -1.42 -6.87
C THR D 47 0.58 -1.28 -5.45
N LEU D 48 1.68 -0.56 -5.31
CA LEU D 48 2.32 -0.38 -4.03
C LEU D 48 1.97 1.01 -3.47
N GLY D 49 1.08 1.72 -4.15
CA GLY D 49 0.73 3.08 -3.73
C GLY D 49 1.70 4.17 -4.12
N ILE D 50 2.61 3.92 -5.05
CA ILE D 50 3.60 4.88 -5.44
C ILE D 50 3.03 5.55 -6.71
N GLY D 51 2.85 6.90 -6.66
CA GLY D 51 1.86 7.81 -7.48
C GLY D 51 2.59 7.83 -8.74
N PRO D 52 2.01 8.38 -9.81
CA PRO D 52 2.63 8.23 -11.12
C PRO D 52 3.92 9.01 -11.28
N GLY D 53 4.71 8.62 -12.29
CA GLY D 53 5.95 9.26 -12.59
C GLY D 53 5.83 10.77 -12.85
N VAL D 54 6.81 11.55 -12.40
CA VAL D 54 6.82 13.03 -12.61
C VAL D 54 8.03 13.36 -13.44
N ALA D 55 7.79 14.04 -14.54
CA ALA D 55 8.89 14.46 -15.44
C ALA D 55 9.92 15.44 -14.87
N ASN D 56 11.17 15.19 -15.22
CA ASN D 56 12.26 16.10 -14.99
C ASN D 56 13.41 15.79 -15.97
N LYS D 57 13.56 16.68 -16.93
CA LYS D 57 14.45 16.50 -18.08
C LYS D 57 14.14 15.16 -18.73
N SER D 58 15.14 14.38 -19.06
CA SER D 58 14.86 13.12 -19.69
C SER D 58 14.60 11.95 -18.68
N ARG D 59 13.78 12.23 -17.66
CA ARG D 59 13.57 11.32 -16.53
C ARG D 59 12.16 11.35 -16.08
N TYR D 60 11.72 10.27 -15.45
CA TYR D 60 10.56 10.28 -14.61
C TYR D 60 10.92 9.76 -13.24
N PHE D 61 10.41 10.47 -12.24
CA PHE D 61 10.70 10.16 -10.86
C PHE D 61 9.47 9.70 -10.14
N TYR D 62 9.67 8.71 -9.28
CA TYR D 62 8.62 8.13 -8.46
C TYR D 62 9.10 8.36 -7.02
N ARG D 63 8.53 9.36 -6.39
CA ARG D 63 9.02 9.83 -5.08
C ARG D 63 8.13 9.30 -3.93
N SER D 64 8.73 8.93 -2.80
CA SER D 64 8.01 8.64 -1.55
C SER D 64 8.73 9.38 -0.40
N PRO D 65 8.16 9.39 0.81
CA PRO D 65 8.91 9.84 2.00
C PRO D 65 10.25 9.12 2.31
N ALA D 66 10.47 7.88 1.93
CA ALA D 66 11.84 7.35 2.07
C ALA D 66 12.35 6.57 0.84
N GLY D 67 12.95 7.34 -0.09
CA GLY D 67 13.47 6.81 -1.35
C GLY D 67 12.75 7.34 -2.58
N THR D 68 13.54 7.47 -3.62
CA THR D 68 13.09 7.94 -4.89
C THR D 68 13.59 6.97 -5.92
N PHE D 69 12.73 6.59 -6.85
CA PHE D 69 13.12 5.77 -7.97
C PHE D 69 12.95 6.59 -9.22
N GLY D 70 13.87 6.42 -10.16
CA GLY D 70 13.83 7.17 -11.43
C GLY D 70 14.15 6.30 -12.64
N ILE D 71 13.47 6.62 -13.72
CA ILE D 71 13.80 6.07 -15.01
C ILE D 71 14.41 7.19 -15.85
N THR D 72 15.47 6.85 -16.57
CA THR D 72 16.22 7.86 -17.33
C THR D 72 16.78 7.38 -18.65
N THR D 73 16.77 8.26 -19.64
CA THR D 73 17.66 8.12 -20.81
C THR D 73 19.07 8.20 -20.35
N PRO D 74 19.95 7.27 -20.76
CA PRO D 74 21.29 7.42 -20.23
C PRO D 74 22.01 8.73 -20.59
N ILE D 75 22.63 9.37 -19.59
CA ILE D 75 23.25 10.67 -19.70
C ILE D 75 24.43 10.65 -20.71
N ASN D 76 25.01 9.47 -20.99
CA ASN D 76 26.15 9.34 -21.90
C ASN D 76 25.77 9.19 -23.35
N GLY D 77 24.46 9.18 -23.63
CA GLY D 77 23.94 9.10 -25.02
C GLY D 77 23.88 7.68 -25.64
N GLN D 78 24.42 6.69 -24.94
CA GLN D 78 24.49 5.36 -25.47
C GLN D 78 23.21 4.65 -25.07
N PRO D 79 22.95 3.49 -25.66
CA PRO D 79 21.71 2.82 -25.31
C PRO D 79 21.71 2.38 -23.86
N ALA D 80 20.55 2.44 -23.26
CA ALA D 80 20.29 1.82 -21.93
C ALA D 80 20.53 0.34 -21.99
N THR D 81 21.13 -0.23 -20.96
CA THR D 81 21.26 -1.67 -20.89
C THR D 81 20.99 -2.04 -19.45
N HIS D 82 20.71 -3.33 -19.22
CA HIS D 82 20.55 -3.84 -17.86
C HIS D 82 21.84 -4.58 -17.47
N GLY D 83 22.25 -4.44 -16.22
CA GLY D 83 23.47 -5.00 -15.75
C GLY D 83 23.21 -6.43 -15.30
N ASN D 84 23.94 -7.37 -15.88
CA ASN D 84 23.81 -8.76 -15.46
C ASN D 84 24.28 -8.94 -14.02
N GLY D 85 23.39 -9.46 -13.20
CA GLY D 85 23.58 -9.57 -11.74
C GLY D 85 22.90 -8.49 -10.91
N SER D 86 22.43 -7.41 -11.54
CA SER D 86 21.69 -6.35 -10.84
C SER D 86 20.23 -6.78 -10.66
N THR D 87 19.69 -6.47 -9.49
CA THR D 87 18.24 -6.64 -9.17
C THR D 87 17.85 -5.50 -8.27
N LEU D 88 16.72 -4.87 -8.57
CA LEU D 88 16.17 -3.81 -7.74
C LEU D 88 14.91 -4.35 -7.05
N GLY D 89 14.86 -4.21 -5.74
CA GLY D 89 13.81 -4.79 -4.86
C GLY D 89 12.96 -3.65 -4.26
N PHE D 90 11.65 -3.63 -4.60
CA PHE D 90 10.74 -2.70 -3.98
C PHE D 90 10.01 -3.37 -2.80
N ALA D 91 9.86 -2.65 -1.70
CA ALA D 91 9.17 -3.15 -0.52
C ALA D 91 7.66 -3.16 -0.75
N ALA D 92 7.02 -4.26 -0.40
CA ALA D 92 5.55 -4.41 -0.52
C ALA D 92 4.97 -4.79 0.85
N GLN D 93 3.70 -4.50 1.09
CA GLN D 93 3.16 -4.63 2.43
C GLN D 93 2.50 -6.00 2.66
N SER D 94 2.46 -6.82 1.65
CA SER D 94 1.86 -8.14 1.78
C SER D 94 2.19 -8.98 0.61
N PRO D 95 2.04 -10.32 0.77
CA PRO D 95 2.17 -11.20 -0.42
C PRO D 95 1.21 -10.86 -1.56
N GLU D 96 -0.01 -10.45 -1.22
CA GLU D 96 -1.02 -10.10 -2.23
C GLU D 96 -0.57 -8.85 -3.02
N GLN D 97 0.09 -7.90 -2.37
CA GLN D 97 0.69 -6.77 -3.14
C GLN D 97 1.81 -7.20 -4.05
N CYS D 98 2.62 -8.16 -3.59
CA CYS D 98 3.63 -8.71 -4.49
C CYS D 98 2.98 -9.35 -5.72
N ASP D 99 1.91 -10.12 -5.52
CA ASP D 99 1.23 -10.72 -6.65
C ASP D 99 0.61 -9.65 -7.59
N ALA D 100 0.03 -8.60 -7.02
CA ALA D 100 -0.62 -7.54 -7.84
C ALA D 100 0.46 -6.82 -8.66
N PHE D 101 1.61 -6.60 -8.04
CA PHE D 101 2.78 -6.01 -8.73
C PHE D 101 3.18 -6.90 -9.91
N HIS D 102 3.30 -8.20 -9.68
CA HIS D 102 3.68 -9.13 -10.72
C HIS D 102 2.69 -9.09 -11.89
N ALA D 103 1.41 -9.22 -11.57
CA ALA D 103 0.35 -9.19 -12.58
C ALA D 103 0.26 -7.84 -13.33
N ALA D 104 0.37 -6.69 -12.63
CA ALA D 104 0.40 -5.41 -13.31
C ALA D 104 1.62 -5.24 -14.25
N GLY D 105 2.79 -5.73 -13.88
CA GLY D 105 3.97 -5.66 -14.75
C GLY D 105 3.79 -6.47 -16.01
N ILE D 106 3.30 -7.71 -15.84
CA ILE D 106 3.05 -8.62 -16.96
C ILE D 106 2.03 -8.00 -17.91
N ALA D 107 1.03 -7.34 -17.35
CA ALA D 107 -0.08 -6.75 -18.17
C ALA D 107 0.29 -5.43 -18.78
N ASN D 108 1.44 -4.83 -18.40
CA ASN D 108 1.76 -3.45 -18.83
C ASN D 108 3.13 -3.20 -19.38
N GLY D 109 3.66 -4.25 -20.02
CA GLY D 109 4.88 -4.17 -20.79
C GLY D 109 6.11 -4.93 -20.29
N GLY D 110 6.02 -5.63 -19.19
CA GLY D 110 7.21 -6.38 -18.77
C GLY D 110 6.97 -7.84 -19.02
N THR D 111 7.88 -8.64 -18.52
CA THR D 111 7.80 -10.07 -18.70
C THR D 111 8.19 -10.84 -17.44
N THR D 112 7.76 -12.09 -17.39
CA THR D 112 8.03 -12.98 -16.27
C THR D 112 9.54 -13.21 -16.15
N CYS D 113 10.01 -13.52 -14.95
CA CYS D 113 11.26 -14.21 -14.77
C CYS D 113 10.96 -15.72 -14.70
N GLU D 114 12.04 -16.45 -14.62
CA GLU D 114 11.99 -17.88 -14.55
C GLU D 114 11.18 -18.35 -13.39
N GLU D 115 11.36 -17.80 -12.20
CA GLU D 115 10.53 -18.23 -11.09
C GLU D 115 9.25 -17.43 -10.88
N PRO D 116 8.13 -18.09 -10.53
CA PRO D 116 6.90 -17.44 -10.18
C PRO D 116 6.98 -16.84 -8.81
N PRO D 117 6.05 -15.94 -8.49
CA PRO D 117 6.01 -15.38 -7.18
C PRO D 117 5.83 -16.50 -6.15
N GLY D 118 6.42 -16.34 -4.99
CA GLY D 118 6.32 -17.35 -3.95
C GLY D 118 7.11 -17.01 -2.72
N PHE D 119 6.90 -17.81 -1.66
CA PHE D 119 7.66 -17.69 -0.43
C PHE D 119 9.06 -18.23 -0.65
N ARG D 120 10.03 -17.69 0.06
CA ARG D 120 11.38 -18.22 0.02
C ARG D 120 11.93 -18.11 1.45
N ASP D 121 12.89 -18.97 1.80
CA ASP D 121 13.66 -18.81 3.05
C ASP D 121 15.05 -18.22 2.83
N GLY D 122 15.27 -16.97 3.25
CA GLY D 122 16.62 -16.36 3.20
C GLY D 122 17.49 -16.85 4.36
N ALA D 123 18.65 -16.24 4.56
CA ALA D 123 19.31 -16.23 5.90
C ALA D 123 18.47 -15.27 6.73
N VAL D 124 17.92 -14.27 6.04
CA VAL D 124 16.71 -13.58 6.46
C VAL D 124 15.72 -14.73 6.71
N GLY D 125 14.64 -14.48 7.43
CA GLY D 125 13.62 -15.50 7.56
C GLY D 125 12.81 -15.72 6.27
N LYS D 126 11.51 -15.90 6.47
CA LYS D 126 10.54 -16.14 5.40
C LYS D 126 10.27 -14.82 4.66
N LEU D 127 10.32 -14.88 3.34
CA LEU D 127 10.09 -13.74 2.44
C LEU D 127 9.09 -14.23 1.43
N TYR D 128 8.28 -13.29 0.94
CA TYR D 128 7.55 -13.46 -0.33
C TYR D 128 8.16 -12.52 -1.38
N LEU D 129 8.39 -13.06 -2.60
CA LEU D 129 9.11 -12.40 -3.68
C LEU D 129 8.38 -12.60 -5.01
N ALA D 130 8.34 -11.55 -5.84
CA ALA D 130 7.78 -11.58 -7.15
C ALA D 130 8.74 -10.78 -8.01
N TYR D 131 9.43 -11.49 -8.91
CA TYR D 131 10.42 -10.92 -9.82
C TYR D 131 9.83 -10.68 -11.20
N LEU D 132 10.31 -9.65 -11.91
CA LEU D 132 9.92 -9.36 -13.30
C LEU D 132 11.11 -8.79 -14.05
N ARG D 133 11.03 -8.76 -15.39
CA ARG D 133 11.85 -7.92 -16.22
C ARG D 133 10.95 -6.77 -16.70
N ASP D 134 11.46 -5.56 -16.54
CA ASP D 134 10.85 -4.38 -17.09
C ASP D 134 10.99 -4.33 -18.63
N PRO D 135 10.43 -3.31 -19.26
CA PRO D 135 10.42 -3.36 -20.70
C PRO D 135 11.80 -3.30 -21.30
N ASP D 136 12.82 -2.80 -20.58
CA ASP D 136 14.23 -2.83 -21.06
C ASP D 136 15.01 -4.04 -20.57
N GLY D 137 14.38 -4.95 -19.86
CA GLY D 137 15.12 -6.11 -19.32
C GLY D 137 15.74 -5.86 -17.94
N ASN D 138 15.49 -4.70 -17.34
CA ASN D 138 15.95 -4.47 -15.96
C ASN D 138 15.21 -5.43 -15.03
N LYS D 139 15.97 -6.14 -14.15
CA LYS D 139 15.39 -7.12 -13.30
C LYS D 139 14.94 -6.45 -12.03
N ILE D 140 13.67 -6.64 -11.66
CA ILE D 140 13.08 -5.96 -10.49
C ILE D 140 12.30 -7.00 -9.71
N CYS D 141 11.96 -6.63 -8.49
CA CYS D 141 11.42 -7.58 -7.56
C CYS D 141 10.48 -6.79 -6.63
N ALA D 142 9.35 -7.37 -6.22
CA ALA D 142 8.65 -6.88 -5.03
C ALA D 142 8.86 -7.89 -3.88
N LEU D 143 9.14 -7.40 -2.69
CA LEU D 143 9.52 -8.22 -1.57
C LEU D 143 8.67 -7.82 -0.34
N HIS D 144 8.09 -8.81 0.33
CA HIS D 144 7.37 -8.62 1.58
C HIS D 144 7.96 -9.53 2.65
N ARG D 145 8.28 -9.00 3.81
CA ARG D 145 8.78 -9.80 4.93
C ARG D 145 7.66 -9.99 5.98
N PRO D 146 7.04 -11.16 6.08
CA PRO D 146 5.86 -11.30 7.00
C PRO D 146 6.21 -11.47 8.47
#